data_3W27
#
_entry.id   3W27
#
_cell.length_a   77.445
_cell.length_b   119.198
_cell.length_c   45.412
_cell.angle_alpha   90.00
_cell.angle_beta   90.00
_cell.angle_gamma   90.00
#
_symmetry.space_group_name_H-M   'P 21 21 2'
#
loop_
_entity.id
_entity.type
_entity.pdbx_description
1 polymer 'Glycoside hydrolase family 10'
2 branched beta-D-xylopyranose-(1-4)-alpha-D-xylopyranose
3 water water
#
_entity_poly.entity_id   1
_entity_poly.type   'polypeptide(L)'
_entity_poly.pdbx_seq_one_letter_code
;TIQNDIPDLYSVFKDYFPIGVAVDPSRLNDADPHAQLTAKHFNMLVAENAMKPESLQPTEGNFTFDNADKIVDYAIAHNM
KMRGHTLLWHNQVPDWFFQDPSDPSKPASRDLLLQRLRTHITTVLDHFKTKYGSQNPIIGWDVVNEVLDDNGNLRNSKWL
QIIGPDYIEKAFEYAHEADPSMKLFINDYNIENNGVKTQAMYDLVKKLKNEGVPINGIGMQMHISINSNIDNIKASIEKL
ASLGVEIQVTALDMNMNGDVSNDALLKQARLYKQLFDLFKAEKQYITAVVFWGVSDDVSWLSKPNAPLLFDSKLQAKPAY
WAIVDLGKAIPDIQSA
;
_entity_poly.pdbx_strand_id   A
#
# COMPACT_ATOMS: atom_id res chain seq x y z
N THR A 1 -2.90 20.47 17.92
CA THR A 1 -2.28 21.52 17.04
C THR A 1 -0.95 20.90 16.65
N ILE A 2 -0.47 21.19 15.45
CA ILE A 2 0.78 20.60 15.01
C ILE A 2 1.92 21.57 15.16
N GLN A 3 3.14 21.05 15.03
CA GLN A 3 4.35 21.86 15.09
C GLN A 3 4.61 22.30 13.65
N ASN A 4 4.33 23.58 13.40
CA ASN A 4 4.47 24.13 12.06
C ASN A 4 5.87 24.46 11.61
N ASP A 5 6.78 24.65 12.55
CA ASP A 5 8.11 25.06 12.15
C ASP A 5 9.22 24.02 12.09
N ILE A 6 8.90 22.76 12.38
CA ILE A 6 9.90 21.71 12.30
C ILE A 6 10.01 21.28 10.82
N PRO A 7 11.12 20.61 10.44
CA PRO A 7 11.29 20.19 9.04
C PRO A 7 10.13 19.36 8.44
N ASP A 8 9.83 19.61 7.17
CA ASP A 8 8.81 18.84 6.45
C ASP A 8 9.48 17.48 6.23
N LEU A 9 8.90 16.41 6.78
CA LEU A 9 9.52 15.10 6.65
C LEU A 9 10.01 14.68 5.26
N TYR A 10 9.13 14.74 4.28
CA TYR A 10 9.50 14.31 2.94
C TYR A 10 10.69 15.06 2.35
N SER A 11 10.86 16.33 2.72
CA SER A 11 11.96 17.13 2.18
C SER A 11 13.32 16.55 2.54
N VAL A 12 13.41 15.88 3.68
CA VAL A 12 14.64 15.25 4.11
C VAL A 12 15.08 14.14 3.15
N PHE A 13 14.12 13.60 2.41
CA PHE A 13 14.38 12.49 1.50
C PHE A 13 14.21 12.85 0.04
N LYS A 14 14.23 14.13 -0.28
CA LYS A 14 14.05 14.49 -1.69
C LYS A 14 15.05 13.92 -2.68
N ASP A 15 16.25 13.55 -2.23
CA ASP A 15 17.24 12.98 -3.15
C ASP A 15 17.19 11.46 -3.13
N TYR A 16 16.17 10.93 -2.46
CA TYR A 16 16.03 9.49 -2.35
C TYR A 16 14.72 8.95 -2.94
N PHE A 17 13.60 9.36 -2.36
CA PHE A 17 12.29 8.90 -2.80
C PHE A 17 11.20 9.68 -2.09
N PRO A 18 9.98 9.68 -2.65
CA PRO A 18 8.86 10.40 -2.03
C PRO A 18 8.50 9.68 -0.72
N ILE A 19 7.95 10.43 0.22
CA ILE A 19 7.51 9.87 1.52
C ILE A 19 6.02 10.10 1.54
N GLY A 20 5.26 9.02 1.60
CA GLY A 20 3.81 9.14 1.58
C GLY A 20 3.12 8.68 2.83
N VAL A 21 1.81 8.83 2.82
CA VAL A 21 1.00 8.43 3.96
C VAL A 21 -0.39 7.98 3.53
N ALA A 22 -0.93 6.98 4.24
CA ALA A 22 -2.29 6.49 3.98
C ALA A 22 -3.24 7.34 4.78
N VAL A 23 -4.30 7.82 4.13
CA VAL A 23 -5.27 8.71 4.76
C VAL A 23 -6.73 8.30 4.61
N ASP A 24 -7.54 8.89 5.48
CA ASP A 24 -8.98 8.72 5.55
C ASP A 24 -9.59 10.01 4.97
N PRO A 25 -10.63 9.88 4.12
CA PRO A 25 -11.26 11.05 3.49
C PRO A 25 -11.88 12.05 4.45
N SER A 26 -12.10 11.64 5.69
CA SER A 26 -12.69 12.53 6.69
C SER A 26 -11.64 13.42 7.37
N ARG A 27 -10.36 13.20 7.05
CA ARG A 27 -9.26 13.97 7.65
C ARG A 27 -8.51 14.80 6.62
N LEU A 28 -9.26 15.46 5.74
CA LEU A 28 -8.65 16.27 4.70
C LEU A 28 -9.01 17.77 4.72
N ASN A 29 -9.83 18.20 5.68
CA ASN A 29 -10.15 19.63 5.68
C ASN A 29 -8.98 20.48 6.17
N ASP A 30 -8.84 21.68 5.61
CA ASP A 30 -7.80 22.64 5.98
C ASP A 30 -7.65 22.86 7.46
N ALA A 31 -8.78 22.95 8.15
CA ALA A 31 -8.79 23.23 9.57
C ALA A 31 -8.56 22.02 10.47
N ASP A 32 -8.39 20.85 9.85
CA ASP A 32 -8.18 19.61 10.61
C ASP A 32 -6.67 19.42 10.83
N PRO A 33 -6.24 19.29 12.09
CA PRO A 33 -4.80 19.11 12.34
C PRO A 33 -4.22 17.86 11.66
N HIS A 34 -5.03 16.81 11.47
CA HIS A 34 -4.50 15.63 10.79
C HIS A 34 -4.20 16.00 9.33
N ALA A 35 -5.07 16.81 8.72
CA ALA A 35 -4.84 17.24 7.36
C ALA A 35 -3.61 18.15 7.29
N GLN A 36 -3.44 18.99 8.31
CA GLN A 36 -2.28 19.87 8.34
C GLN A 36 -1.00 19.07 8.42
N LEU A 37 -1.01 18.01 9.21
CA LEU A 37 0.16 17.15 9.33
C LEU A 37 0.42 16.45 7.99
N THR A 38 -0.65 16.04 7.33
CA THR A 38 -0.56 15.35 6.03
C THR A 38 0.11 16.22 4.98
N ALA A 39 -0.41 17.42 4.80
CA ALA A 39 0.11 18.36 3.80
C ALA A 39 1.52 18.84 4.11
N LYS A 40 1.83 18.97 5.39
CA LYS A 40 3.16 19.42 5.74
C LYS A 40 4.27 18.41 5.51
N HIS A 41 4.02 17.18 5.91
CA HIS A 41 5.08 16.18 5.87
C HIS A 41 5.21 15.21 4.75
N PHE A 42 4.18 15.10 3.91
CA PHE A 42 4.21 14.09 2.86
C PHE A 42 4.02 14.64 1.48
N ASN A 43 4.71 14.03 0.51
CA ASN A 43 4.54 14.43 -0.88
C ASN A 43 3.91 13.30 -1.71
N MET A 44 3.33 12.33 -1.01
CA MET A 44 2.64 11.18 -1.64
C MET A 44 1.50 10.75 -0.71
N LEU A 45 0.40 10.33 -1.33
CA LEU A 45 -0.81 9.93 -0.61
C LEU A 45 -1.31 8.59 -1.11
N VAL A 46 -1.92 7.84 -0.19
CA VAL A 46 -2.55 6.57 -0.52
C VAL A 46 -3.89 6.55 0.24
N ALA A 47 -4.93 5.96 -0.34
CA ALA A 47 -6.23 5.85 0.34
C ALA A 47 -6.13 4.64 1.28
N GLU A 48 -6.30 4.87 2.58
CA GLU A 48 -6.22 3.76 3.52
C GLU A 48 -7.31 2.71 3.23
N ASN A 49 -8.47 3.18 2.80
CA ASN A 49 -9.62 2.29 2.52
C ASN A 49 -10.46 2.67 1.30
N ALA A 50 -10.47 3.95 0.91
CA ALA A 50 -11.39 4.41 -0.12
C ALA A 50 -11.25 3.90 -1.53
N MET A 51 -10.16 3.20 -1.83
CA MET A 51 -9.97 2.65 -3.18
C MET A 51 -9.98 1.12 -3.21
N LYS A 52 -10.38 0.52 -2.09
CA LYS A 52 -10.51 -0.93 -2.02
C LYS A 52 -11.77 -1.37 -2.79
N PRO A 53 -11.84 -2.65 -3.16
CA PRO A 53 -13.00 -3.09 -3.92
C PRO A 53 -14.36 -2.76 -3.34
N GLU A 54 -14.58 -3.03 -2.05
CA GLU A 54 -15.87 -2.74 -1.42
C GLU A 54 -16.17 -1.24 -1.40
N SER A 55 -15.11 -0.44 -1.39
CA SER A 55 -15.27 1.01 -1.33
C SER A 55 -15.58 1.63 -2.68
N LEU A 56 -15.31 0.90 -3.75
CA LEU A 56 -15.52 1.41 -5.09
C LEU A 56 -16.68 0.77 -5.86
N GLN A 57 -17.00 -0.48 -5.56
CA GLN A 57 -18.13 -1.12 -6.24
C GLN A 57 -18.85 -2.00 -5.22
N PRO A 58 -19.56 -1.38 -4.27
CA PRO A 58 -20.27 -2.15 -3.23
C PRO A 58 -21.29 -3.16 -3.67
N THR A 59 -21.99 -2.84 -4.76
CA THR A 59 -22.95 -3.76 -5.38
C THR A 59 -22.62 -3.70 -6.87
N GLU A 60 -22.98 -4.73 -7.62
CA GLU A 60 -22.55 -4.81 -9.01
C GLU A 60 -23.06 -3.69 -9.91
N GLY A 61 -22.11 -2.96 -10.50
CA GLY A 61 -22.45 -1.87 -11.41
C GLY A 61 -22.65 -0.55 -10.70
N ASN A 62 -22.67 -0.56 -9.37
CA ASN A 62 -22.90 0.64 -8.56
C ASN A 62 -21.55 1.11 -8.02
N PHE A 63 -20.91 2.01 -8.74
CA PHE A 63 -19.59 2.51 -8.39
C PHE A 63 -19.70 3.76 -7.55
N THR A 64 -18.90 3.78 -6.48
CA THR A 64 -18.91 4.85 -5.51
C THR A 64 -17.52 5.43 -5.36
N PHE A 65 -17.21 6.38 -6.23
CA PHE A 65 -15.89 7.03 -6.27
C PHE A 65 -15.77 8.34 -5.49
N ASP A 66 -16.83 8.81 -4.84
CA ASP A 66 -16.72 10.11 -4.17
C ASP A 66 -15.59 10.23 -3.16
N ASN A 67 -15.48 9.27 -2.24
CA ASN A 67 -14.40 9.35 -1.24
C ASN A 67 -13.03 9.25 -1.87
N ALA A 68 -12.86 8.35 -2.83
CA ALA A 68 -11.60 8.21 -3.54
C ALA A 68 -11.25 9.52 -4.26
N ASP A 69 -12.22 10.11 -4.93
CA ASP A 69 -12.00 11.36 -5.66
C ASP A 69 -11.65 12.51 -4.70
N LYS A 70 -12.27 12.54 -3.53
CA LYS A 70 -11.95 13.58 -2.55
C LYS A 70 -10.44 13.50 -2.20
N ILE A 71 -9.92 12.29 -2.04
CA ILE A 71 -8.50 12.10 -1.73
C ILE A 71 -7.65 12.52 -2.91
N VAL A 72 -8.05 12.14 -4.13
CA VAL A 72 -7.32 12.54 -5.32
C VAL A 72 -7.29 14.09 -5.45
N ASP A 73 -8.44 14.73 -5.23
CA ASP A 73 -8.54 16.20 -5.33
C ASP A 73 -7.55 16.85 -4.37
N TYR A 74 -7.48 16.30 -3.17
CA TYR A 74 -6.60 16.81 -2.12
C TYR A 74 -5.14 16.63 -2.56
N ALA A 75 -4.80 15.46 -3.09
CA ALA A 75 -3.44 15.20 -3.56
C ALA A 75 -3.05 16.21 -4.65
N ILE A 76 -3.98 16.45 -5.58
CA ILE A 76 -3.70 17.41 -6.63
C ILE A 76 -3.48 18.80 -6.05
N ALA A 77 -4.33 19.18 -5.09
CA ALA A 77 -4.22 20.51 -4.48
C ALA A 77 -2.91 20.70 -3.72
N HIS A 78 -2.36 19.61 -3.19
CA HIS A 78 -1.10 19.71 -2.45
C HIS A 78 0.13 19.18 -3.19
N ASN A 79 0.01 19.04 -4.51
CA ASN A 79 1.13 18.60 -5.32
C ASN A 79 1.70 17.27 -4.85
N MET A 80 0.83 16.32 -4.56
CA MET A 80 1.29 15.01 -4.08
C MET A 80 1.03 13.97 -5.13
N LYS A 81 1.90 12.99 -5.20
CA LYS A 81 1.66 11.85 -6.08
C LYS A 81 0.83 10.87 -5.22
N MET A 82 0.30 9.84 -5.87
CA MET A 82 -0.49 8.82 -5.16
C MET A 82 -0.21 7.41 -5.62
N ARG A 83 -0.51 6.47 -4.73
CA ARG A 83 -0.47 5.05 -5.07
C ARG A 83 -1.94 4.65 -4.98
N GLY A 84 -2.38 3.77 -5.88
CA GLY A 84 -3.74 3.25 -5.84
C GLY A 84 -3.73 1.91 -5.11
N HIS A 85 -4.52 1.83 -4.05
CA HIS A 85 -4.61 0.63 -3.22
C HIS A 85 -6.09 0.30 -3.07
N THR A 86 -6.60 -0.83 -3.58
CA THR A 86 -5.91 -1.89 -4.31
C THR A 86 -7.00 -2.53 -5.20
N LEU A 87 -6.61 -3.04 -6.36
CA LEU A 87 -7.59 -3.61 -7.31
C LEU A 87 -8.13 -4.98 -6.96
N LEU A 88 -7.38 -5.79 -6.21
CA LEU A 88 -7.84 -7.15 -5.83
C LEU A 88 -7.27 -7.49 -4.46
N TRP A 89 -8.10 -8.07 -3.61
CA TRP A 89 -7.71 -8.49 -2.28
C TRP A 89 -8.79 -9.50 -1.84
N HIS A 90 -8.50 -10.27 -0.80
CA HIS A 90 -9.48 -11.24 -0.27
C HIS A 90 -10.25 -10.62 0.91
N ASN A 91 -9.85 -9.43 1.36
CA ASN A 91 -10.60 -8.71 2.39
C ASN A 91 -11.16 -7.44 1.72
N GLN A 92 -12.18 -6.88 2.36
CA GLN A 92 -12.82 -5.65 1.89
C GLN A 92 -13.17 -5.71 0.41
N VAL A 93 -13.74 -6.85 0.04
CA VAL A 93 -14.19 -7.15 -1.32
C VAL A 93 -15.60 -7.70 -1.14
N PRO A 94 -16.56 -7.12 -1.85
CA PRO A 94 -17.93 -7.62 -1.68
C PRO A 94 -18.17 -9.05 -2.11
N ASP A 95 -19.02 -9.73 -1.36
CA ASP A 95 -19.39 -11.12 -1.62
C ASP A 95 -19.99 -11.30 -3.02
N TRP A 96 -20.68 -10.29 -3.54
CA TRP A 96 -21.33 -10.46 -4.85
C TRP A 96 -20.36 -10.91 -5.95
N PHE A 97 -19.11 -10.48 -5.88
CA PHE A 97 -18.13 -10.87 -6.91
C PHE A 97 -18.09 -12.38 -7.12
N PHE A 98 -18.16 -13.10 -5.99
CA PHE A 98 -17.99 -14.55 -5.98
C PHE A 98 -19.24 -15.39 -6.06
N GLN A 99 -20.39 -14.75 -6.21
CA GLN A 99 -21.67 -15.45 -6.24
C GLN A 99 -22.28 -15.53 -7.62
N ASP A 100 -22.96 -16.65 -7.89
CA ASP A 100 -23.68 -16.79 -9.15
C ASP A 100 -24.87 -15.81 -8.94
N PRO A 101 -25.07 -14.85 -9.85
CA PRO A 101 -26.17 -13.94 -9.60
C PRO A 101 -27.59 -14.52 -9.66
N SER A 102 -27.77 -15.64 -10.34
CA SER A 102 -29.10 -16.24 -10.39
C SER A 102 -29.33 -17.14 -9.19
N ASP A 103 -28.24 -17.64 -8.61
CA ASP A 103 -28.33 -18.51 -7.45
C ASP A 103 -27.16 -18.16 -6.53
N PRO A 104 -27.34 -17.17 -5.64
CA PRO A 104 -26.32 -16.71 -4.69
C PRO A 104 -25.79 -17.75 -3.73
N SER A 105 -26.40 -18.94 -3.74
CA SER A 105 -25.96 -20.04 -2.89
C SER A 105 -24.81 -20.77 -3.60
N LYS A 106 -24.64 -20.46 -4.88
CA LYS A 106 -23.60 -21.08 -5.72
C LYS A 106 -22.52 -20.08 -6.10
N PRO A 107 -21.31 -20.57 -6.39
CA PRO A 107 -20.22 -19.67 -6.78
C PRO A 107 -20.26 -19.24 -8.23
N ALA A 108 -19.70 -18.05 -8.51
CA ALA A 108 -19.56 -17.61 -9.87
C ALA A 108 -18.56 -18.54 -10.56
N SER A 109 -18.68 -18.66 -11.88
CA SER A 109 -17.73 -19.49 -12.66
C SER A 109 -16.41 -18.72 -12.84
N ARG A 110 -15.41 -19.41 -13.34
CA ARG A 110 -14.12 -18.80 -13.65
C ARG A 110 -14.32 -17.66 -14.66
N ASP A 111 -15.06 -17.90 -15.74
CA ASP A 111 -15.27 -16.85 -16.72
C ASP A 111 -16.02 -15.65 -16.13
N LEU A 112 -17.02 -15.90 -15.30
CA LEU A 112 -17.77 -14.76 -14.75
C LEU A 112 -16.92 -13.95 -13.79
N LEU A 113 -16.18 -14.62 -12.91
CA LEU A 113 -15.34 -13.90 -11.97
C LEU A 113 -14.25 -13.14 -12.72
N LEU A 114 -13.68 -13.73 -13.76
CA LEU A 114 -12.66 -13.02 -14.54
C LEU A 114 -13.27 -11.80 -15.23
N GLN A 115 -14.49 -11.93 -15.74
CA GLN A 115 -15.12 -10.80 -16.41
C GLN A 115 -15.40 -9.69 -15.38
N ARG A 116 -15.84 -10.07 -14.19
CA ARG A 116 -16.12 -9.07 -13.16
C ARG A 116 -14.81 -8.39 -12.74
N LEU A 117 -13.73 -9.15 -12.68
CA LEU A 117 -12.43 -8.58 -12.31
C LEU A 117 -12.01 -7.60 -13.41
N ARG A 118 -12.16 -7.99 -14.67
CA ARG A 118 -11.80 -7.12 -15.77
C ARG A 118 -12.64 -5.84 -15.74
N THR A 119 -13.95 -5.98 -15.54
CA THR A 119 -14.82 -4.79 -15.50
C THR A 119 -14.48 -3.89 -14.33
N HIS A 120 -14.21 -4.47 -13.17
CA HIS A 120 -13.84 -3.64 -12.02
C HIS A 120 -12.52 -2.89 -12.29
N ILE A 121 -11.49 -3.63 -12.68
CA ILE A 121 -10.19 -3.01 -12.94
C ILE A 121 -10.29 -1.94 -14.01
N THR A 122 -10.95 -2.27 -15.11
CA THR A 122 -11.03 -1.32 -16.20
C THR A 122 -11.82 -0.06 -15.82
N THR A 123 -12.92 -0.24 -15.12
CA THR A 123 -13.73 0.91 -14.71
C THR A 123 -12.98 1.78 -13.74
N VAL A 124 -12.26 1.18 -12.79
CA VAL A 124 -11.51 1.96 -11.82
C VAL A 124 -10.40 2.76 -12.50
N LEU A 125 -9.58 2.12 -13.33
CA LEU A 125 -8.52 2.85 -14.03
C LEU A 125 -9.12 3.87 -15.02
N ASP A 126 -10.14 3.49 -15.77
CA ASP A 126 -10.74 4.47 -16.70
C ASP A 126 -11.36 5.66 -15.98
N HIS A 127 -11.88 5.46 -14.78
CA HIS A 127 -12.48 6.54 -14.02
C HIS A 127 -11.45 7.62 -13.72
N PHE A 128 -10.30 7.21 -13.20
CA PHE A 128 -9.29 8.21 -12.84
C PHE A 128 -8.69 8.84 -14.08
N LYS A 129 -8.49 8.06 -15.12
CA LYS A 129 -7.90 8.61 -16.34
C LYS A 129 -8.85 9.60 -17.02
N THR A 130 -10.14 9.26 -17.11
CA THR A 130 -11.10 10.15 -17.77
C THR A 130 -11.51 11.35 -16.94
N LYS A 131 -11.53 11.21 -15.63
CA LYS A 131 -11.93 12.34 -14.80
C LYS A 131 -10.80 13.31 -14.59
N TYR A 132 -9.57 12.79 -14.42
CA TYR A 132 -8.41 13.64 -14.12
C TYR A 132 -7.39 13.81 -15.23
N GLY A 133 -7.42 12.92 -16.23
CA GLY A 133 -6.49 13.02 -17.34
C GLY A 133 -5.04 13.15 -16.93
N SER A 134 -4.35 14.12 -17.54
CA SER A 134 -2.94 14.34 -17.26
C SER A 134 -2.68 14.78 -15.81
N GLN A 135 -3.72 15.20 -15.09
CA GLN A 135 -3.54 15.61 -13.69
C GLN A 135 -3.71 14.45 -12.71
N ASN A 136 -4.03 13.26 -13.21
CA ASN A 136 -4.21 12.10 -12.33
C ASN A 136 -2.89 11.95 -11.54
N PRO A 137 -2.96 12.03 -10.20
CA PRO A 137 -1.74 11.91 -9.39
C PRO A 137 -1.26 10.48 -9.14
N ILE A 138 -2.15 9.52 -9.40
CA ILE A 138 -1.80 8.13 -9.17
C ILE A 138 -0.72 7.67 -10.15
N ILE A 139 0.40 7.18 -9.63
CA ILE A 139 1.50 6.75 -10.48
C ILE A 139 1.54 5.24 -10.65
N GLY A 140 0.82 4.53 -9.79
CA GLY A 140 0.82 3.08 -9.90
C GLY A 140 -0.21 2.49 -8.97
N TRP A 141 -0.49 1.21 -9.18
CA TRP A 141 -1.47 0.48 -8.38
C TRP A 141 -0.98 -0.81 -7.80
N ASP A 142 -1.51 -1.12 -6.64
CA ASP A 142 -1.30 -2.44 -6.03
C ASP A 142 -2.41 -3.21 -6.78
N VAL A 143 -1.99 -3.95 -7.79
CA VAL A 143 -2.92 -4.71 -8.62
C VAL A 143 -3.49 -5.88 -7.82
N VAL A 144 -2.63 -6.61 -7.11
CA VAL A 144 -3.11 -7.66 -6.22
C VAL A 144 -2.41 -7.45 -4.88
N ASN A 145 -3.15 -7.76 -3.83
CA ASN A 145 -2.70 -7.57 -2.46
C ASN A 145 -2.80 -8.88 -1.70
N GLU A 146 -1.74 -9.26 -1.01
CA GLU A 146 -1.72 -10.43 -0.14
C GLU A 146 -2.15 -11.74 -0.77
N VAL A 147 -1.58 -12.04 -1.94
CA VAL A 147 -1.94 -13.27 -2.62
C VAL A 147 -1.16 -14.50 -2.15
N LEU A 148 -0.16 -14.33 -1.28
CA LEU A 148 0.58 -15.48 -0.73
C LEU A 148 0.08 -15.77 0.68
N ASP A 149 0.15 -17.02 1.12
CA ASP A 149 -0.22 -17.29 2.51
C ASP A 149 1.05 -17.28 3.31
N ASP A 150 0.99 -17.50 4.61
CA ASP A 150 2.23 -17.38 5.34
C ASP A 150 3.22 -18.51 5.24
N ASN A 151 2.86 -19.55 4.48
CA ASN A 151 3.77 -20.65 4.26
C ASN A 151 4.38 -20.51 2.87
N GLY A 152 4.00 -19.43 2.19
CA GLY A 152 4.52 -19.18 0.85
C GLY A 152 3.72 -19.79 -0.29
N ASN A 153 2.61 -20.47 0.01
CA ASN A 153 1.82 -21.02 -1.07
C ASN A 153 0.85 -19.91 -1.49
N LEU A 154 0.14 -20.12 -2.58
CA LEU A 154 -0.84 -19.11 -2.97
C LEU A 154 -2.00 -19.17 -1.97
N ARG A 155 -2.40 -18.00 -1.48
CA ARG A 155 -3.51 -17.91 -0.54
C ARG A 155 -4.77 -18.47 -1.20
N ASN A 156 -5.44 -19.37 -0.48
CA ASN A 156 -6.63 -20.01 -1.02
C ASN A 156 -7.91 -19.21 -0.84
N SER A 157 -7.89 -18.03 -1.42
CA SER A 157 -9.05 -17.13 -1.38
C SER A 157 -10.05 -17.59 -2.40
N LYS A 158 -11.20 -16.92 -2.44
CA LYS A 158 -12.20 -17.27 -3.44
C LYS A 158 -11.68 -17.03 -4.85
N TRP A 159 -10.75 -16.09 -5.01
CA TRP A 159 -10.16 -15.87 -6.33
C TRP A 159 -9.44 -17.14 -6.78
N LEU A 160 -8.61 -17.70 -5.91
CA LEU A 160 -7.86 -18.90 -6.27
C LEU A 160 -8.82 -20.10 -6.45
N GLN A 161 -9.81 -20.22 -5.58
CA GLN A 161 -10.76 -21.33 -5.64
C GLN A 161 -11.57 -21.37 -6.93
N ILE A 162 -12.10 -20.22 -7.31
CA ILE A 162 -12.95 -20.15 -8.50
C ILE A 162 -12.21 -20.12 -9.82
N ILE A 163 -11.13 -19.36 -9.89
CA ILE A 163 -10.38 -19.21 -11.13
C ILE A 163 -9.19 -20.11 -11.30
N GLY A 164 -8.38 -20.26 -10.26
CA GLY A 164 -7.15 -21.01 -10.42
C GLY A 164 -5.99 -20.04 -10.27
N PRO A 165 -4.76 -20.56 -10.27
CA PRO A 165 -3.55 -19.75 -10.09
C PRO A 165 -3.27 -18.65 -11.07
N ASP A 166 -3.83 -18.68 -12.27
CA ASP A 166 -3.58 -17.62 -13.22
C ASP A 166 -4.40 -16.37 -13.00
N TYR A 167 -5.18 -16.33 -11.92
CA TYR A 167 -5.97 -15.11 -11.70
C TYR A 167 -5.06 -13.90 -11.47
N ILE A 168 -3.86 -14.16 -10.94
CA ILE A 168 -2.89 -13.07 -10.68
C ILE A 168 -2.44 -12.45 -12.00
N GLU A 169 -1.99 -13.30 -12.92
CA GLU A 169 -1.56 -12.86 -14.23
C GLU A 169 -2.70 -12.09 -14.92
N LYS A 170 -3.93 -12.61 -14.80
CA LYS A 170 -5.05 -11.92 -15.46
C LYS A 170 -5.29 -10.52 -14.89
N ALA A 171 -5.17 -10.37 -13.58
CA ALA A 171 -5.37 -9.03 -12.99
C ALA A 171 -4.36 -8.03 -13.56
N PHE A 172 -3.10 -8.46 -13.66
CA PHE A 172 -2.07 -7.59 -14.24
C PHE A 172 -2.34 -7.31 -15.70
N GLU A 173 -2.78 -8.31 -16.45
CA GLU A 173 -3.08 -8.12 -17.87
C GLU A 173 -4.19 -7.07 -18.03
N TYR A 174 -5.25 -7.20 -17.22
CA TYR A 174 -6.37 -6.27 -17.32
C TYR A 174 -5.97 -4.85 -16.95
N ALA A 175 -5.18 -4.73 -15.90
CA ALA A 175 -4.75 -3.41 -15.48
C ALA A 175 -3.83 -2.74 -16.52
N HIS A 176 -2.93 -3.54 -17.09
CA HIS A 176 -1.99 -3.02 -18.08
C HIS A 176 -2.73 -2.55 -19.33
N GLU A 177 -3.75 -3.31 -19.72
CA GLU A 177 -4.52 -2.93 -20.89
C GLU A 177 -5.35 -1.66 -20.64
N ALA A 178 -5.91 -1.52 -19.44
CA ALA A 178 -6.70 -0.35 -19.11
C ALA A 178 -5.87 0.93 -19.05
N ASP A 179 -4.71 0.86 -18.42
CA ASP A 179 -3.86 2.06 -18.36
C ASP A 179 -2.39 1.69 -18.36
N PRO A 180 -1.78 1.63 -19.55
CA PRO A 180 -0.36 1.28 -19.61
C PRO A 180 0.63 2.29 -19.00
N SER A 181 0.12 3.45 -18.57
CA SER A 181 0.98 4.46 -17.96
C SER A 181 1.15 4.19 -16.45
N MET A 182 0.35 3.27 -15.91
CA MET A 182 0.45 2.94 -14.48
C MET A 182 1.51 1.88 -14.17
N LYS A 183 2.29 2.11 -13.11
CA LYS A 183 3.24 1.10 -12.65
C LYS A 183 2.41 0.06 -11.87
N LEU A 184 2.62 -1.21 -12.15
CA LEU A 184 1.80 -2.25 -11.53
C LEU A 184 2.58 -3.04 -10.49
N PHE A 185 2.03 -3.07 -9.28
CA PHE A 185 2.65 -3.72 -8.14
C PHE A 185 1.89 -4.94 -7.59
N ILE A 186 2.64 -5.89 -7.06
CA ILE A 186 2.11 -7.02 -6.28
C ILE A 186 2.57 -6.65 -4.85
N ASN A 187 1.64 -6.57 -3.90
CA ASN A 187 1.92 -6.09 -2.53
C ASN A 187 1.71 -7.16 -1.46
N ASP A 188 2.56 -7.17 -0.43
CA ASP A 188 2.36 -8.17 0.63
C ASP A 188 3.14 -7.83 1.87
N TYR A 189 2.72 -8.47 2.96
CA TYR A 189 3.35 -8.35 4.29
C TYR A 189 4.21 -9.57 4.57
N ASN A 190 5.10 -9.43 5.54
CA ASN A 190 6.05 -10.45 5.98
C ASN A 190 7.09 -10.84 4.96
N ILE A 191 7.10 -10.17 3.81
CA ILE A 191 8.12 -10.49 2.82
C ILE A 191 9.44 -9.73 3.10
N GLU A 192 9.49 -9.01 4.22
CA GLU A 192 10.72 -8.30 4.63
C GLU A 192 11.49 -9.16 5.64
N ASN A 193 10.96 -10.32 6.01
CA ASN A 193 11.60 -11.15 7.03
C ASN A 193 12.63 -12.17 6.56
N ASN A 194 12.85 -12.22 5.25
CA ASN A 194 13.78 -13.15 4.63
C ASN A 194 13.51 -14.61 5.00
N GLY A 195 12.23 -14.96 5.07
CA GLY A 195 11.83 -16.33 5.37
C GLY A 195 11.21 -16.97 4.14
N VAL A 196 10.34 -17.96 4.38
CA VAL A 196 9.71 -18.68 3.28
C VAL A 196 8.83 -17.79 2.42
N LYS A 197 8.19 -16.80 3.04
CA LYS A 197 7.32 -15.92 2.25
C LYS A 197 8.13 -15.02 1.31
N THR A 198 9.25 -14.50 1.78
CA THR A 198 10.12 -13.69 0.92
C THR A 198 10.54 -14.54 -0.28
N GLN A 199 10.97 -15.77 -0.02
CA GLN A 199 11.37 -16.64 -1.12
C GLN A 199 10.23 -16.90 -2.07
N ALA A 200 9.04 -17.10 -1.53
CA ALA A 200 7.89 -17.37 -2.38
C ALA A 200 7.53 -16.17 -3.28
N MET A 201 7.66 -14.95 -2.75
CA MET A 201 7.37 -13.76 -3.55
C MET A 201 8.38 -13.65 -4.68
N TYR A 202 9.64 -13.87 -4.35
CA TYR A 202 10.69 -13.86 -5.37
C TYR A 202 10.39 -14.91 -6.43
N ASP A 203 10.05 -16.12 -6.01
CA ASP A 203 9.78 -17.17 -6.99
C ASP A 203 8.58 -16.86 -7.89
N LEU A 204 7.52 -16.32 -7.27
CA LEU A 204 6.32 -16.02 -8.02
C LEU A 204 6.57 -14.89 -9.04
N VAL A 205 7.21 -13.82 -8.60
CA VAL A 205 7.44 -12.72 -9.54
C VAL A 205 8.43 -13.13 -10.62
N LYS A 206 9.41 -13.95 -10.26
CA LYS A 206 10.35 -14.39 -11.29
C LYS A 206 9.59 -15.14 -12.37
N LYS A 207 8.71 -16.04 -11.93
CA LYS A 207 7.96 -16.87 -12.86
C LYS A 207 7.03 -16.05 -13.73
N LEU A 208 6.25 -15.18 -13.11
CA LEU A 208 5.31 -14.37 -13.88
C LEU A 208 5.99 -13.40 -14.83
N LYS A 209 7.06 -12.76 -14.40
CA LYS A 209 7.75 -11.84 -15.31
C LYS A 209 8.35 -12.58 -16.51
N ASN A 210 8.91 -13.76 -16.27
CA ASN A 210 9.50 -14.56 -17.34
C ASN A 210 8.42 -14.97 -18.34
N GLU A 211 7.17 -15.03 -17.88
CA GLU A 211 6.05 -15.39 -18.74
C GLU A 211 5.43 -14.15 -19.40
N GLY A 212 6.06 -12.99 -19.19
CA GLY A 212 5.59 -11.77 -19.81
C GLY A 212 4.51 -11.01 -19.06
N VAL A 213 4.23 -11.38 -17.81
CA VAL A 213 3.20 -10.64 -17.04
C VAL A 213 3.77 -9.25 -16.77
N PRO A 214 2.98 -8.21 -17.02
CA PRO A 214 3.47 -6.84 -16.81
C PRO A 214 3.55 -6.32 -15.39
N ILE A 215 4.35 -6.99 -14.58
CA ILE A 215 4.56 -6.58 -13.19
C ILE A 215 5.76 -5.64 -13.17
N ASN A 216 5.57 -4.43 -12.65
CA ASN A 216 6.65 -3.45 -12.59
C ASN A 216 7.32 -3.35 -11.24
N GLY A 217 6.62 -3.77 -10.19
CA GLY A 217 7.21 -3.65 -8.88
C GLY A 217 6.62 -4.56 -7.84
N ILE A 218 7.33 -4.64 -6.72
CA ILE A 218 6.91 -5.39 -5.55
C ILE A 218 6.74 -4.39 -4.41
N GLY A 219 5.55 -4.43 -3.82
CA GLY A 219 5.23 -3.60 -2.69
C GLY A 219 5.46 -4.40 -1.42
N MET A 220 6.31 -3.89 -0.55
CA MET A 220 6.59 -4.51 0.73
C MET A 220 5.85 -3.68 1.78
N GLN A 221 4.75 -4.22 2.31
CA GLN A 221 3.97 -3.49 3.32
C GLN A 221 4.80 -2.93 4.51
N MET A 222 5.67 -3.76 5.04
CA MET A 222 6.54 -3.35 6.15
C MET A 222 5.85 -3.04 7.48
N HIS A 223 4.92 -3.92 7.84
CA HIS A 223 4.28 -3.76 9.15
C HIS A 223 5.27 -4.48 10.06
N ILE A 224 6.29 -3.75 10.48
CA ILE A 224 7.33 -4.32 11.31
C ILE A 224 7.02 -4.21 12.80
N SER A 225 7.92 -4.71 13.63
CA SER A 225 7.69 -4.60 15.08
C SER A 225 8.95 -4.06 15.73
N ILE A 226 8.80 -3.70 17.00
CA ILE A 226 9.91 -3.16 17.75
C ILE A 226 11.06 -4.17 17.82
N ASN A 227 10.77 -5.44 17.52
CA ASN A 227 11.77 -6.52 17.53
C ASN A 227 12.27 -6.94 16.15
N SER A 228 11.88 -6.23 15.10
CA SER A 228 12.29 -6.63 13.76
C SER A 228 13.80 -6.58 13.58
N ASN A 229 14.30 -7.46 12.73
CA ASN A 229 15.71 -7.58 12.44
C ASN A 229 16.04 -6.88 11.11
N ILE A 230 16.82 -5.81 11.21
CA ILE A 230 17.21 -5.02 10.05
C ILE A 230 17.99 -5.86 9.02
N ASP A 231 18.82 -6.79 9.47
CA ASP A 231 19.57 -7.61 8.51
C ASP A 231 18.64 -8.41 7.61
N ASN A 232 17.56 -8.92 8.18
CA ASN A 232 16.60 -9.67 7.39
C ASN A 232 15.89 -8.77 6.38
N ILE A 233 15.61 -7.53 6.77
CA ILE A 233 14.95 -6.59 5.86
C ILE A 233 15.90 -6.26 4.70
N LYS A 234 17.17 -6.02 5.03
CA LYS A 234 18.15 -5.74 3.99
C LYS A 234 18.28 -6.92 3.03
N ALA A 235 18.36 -8.13 3.57
CA ALA A 235 18.49 -9.31 2.70
C ALA A 235 17.27 -9.51 1.79
N SER A 236 16.09 -9.21 2.33
CA SER A 236 14.84 -9.33 1.57
C SER A 236 14.81 -8.34 0.42
N ILE A 237 15.14 -7.08 0.70
CA ILE A 237 15.17 -6.08 -0.34
C ILE A 237 16.17 -6.48 -1.44
N GLU A 238 17.34 -6.97 -1.06
CA GLU A 238 18.30 -7.38 -2.07
C GLU A 238 17.80 -8.52 -2.93
N LYS A 239 17.18 -9.51 -2.29
CA LYS A 239 16.68 -10.65 -3.04
C LYS A 239 15.57 -10.25 -4.01
N LEU A 240 14.61 -9.49 -3.52
CA LEU A 240 13.49 -9.07 -4.37
C LEU A 240 13.95 -8.14 -5.48
N ALA A 241 14.89 -7.26 -5.16
CA ALA A 241 15.39 -6.29 -6.13
C ALA A 241 16.15 -6.95 -7.28
N SER A 242 16.69 -8.15 -7.05
CA SER A 242 17.44 -8.83 -8.11
C SER A 242 16.59 -9.20 -9.31
N LEU A 243 15.27 -9.11 -9.15
CA LEU A 243 14.36 -9.43 -10.25
C LEU A 243 14.22 -8.31 -11.29
N GLY A 244 14.81 -7.16 -10.99
CA GLY A 244 14.73 -6.05 -11.94
C GLY A 244 13.39 -5.35 -11.90
N VAL A 245 12.78 -5.30 -10.72
CA VAL A 245 11.50 -4.62 -10.53
C VAL A 245 11.74 -3.52 -9.49
N GLU A 246 10.86 -2.53 -9.46
CA GLU A 246 10.93 -1.47 -8.46
C GLU A 246 10.48 -2.07 -7.13
N ILE A 247 10.96 -1.49 -6.05
CA ILE A 247 10.53 -1.89 -4.73
C ILE A 247 9.92 -0.66 -4.08
N GLN A 248 8.73 -0.80 -3.51
CA GLN A 248 8.17 0.32 -2.74
C GLN A 248 7.80 -0.20 -1.36
N VAL A 249 8.06 0.61 -0.33
CA VAL A 249 7.70 0.29 1.06
C VAL A 249 6.34 0.94 1.12
N THR A 250 5.32 0.11 1.13
CA THR A 250 3.96 0.61 1.02
C THR A 250 3.09 0.85 2.24
N ALA A 251 3.41 0.29 3.40
CA ALA A 251 2.51 0.46 4.57
C ALA A 251 3.23 0.40 5.91
N LEU A 252 4.31 1.16 5.99
CA LEU A 252 5.15 1.15 7.15
C LEU A 252 4.55 1.63 8.46
N ASP A 253 4.74 0.79 9.47
CA ASP A 253 4.39 1.13 10.84
C ASP A 253 5.12 0.15 11.74
N MET A 254 5.15 0.47 13.03
CA MET A 254 5.91 -0.36 13.96
C MET A 254 5.09 -0.79 15.15
N ASN A 255 4.85 -2.09 15.22
CA ASN A 255 4.04 -2.63 16.30
C ASN A 255 4.89 -2.68 17.56
N MET A 256 4.41 -2.00 18.60
CA MET A 256 5.13 -1.91 19.86
C MET A 256 4.82 -3.01 20.86
N ASN A 257 3.95 -3.93 20.48
CA ASN A 257 3.57 -5.05 21.34
C ASN A 257 3.14 -4.63 22.73
N GLY A 258 2.37 -3.55 22.78
CA GLY A 258 1.84 -3.05 24.05
C GLY A 258 2.74 -2.18 24.88
N ASP A 259 4.02 -2.08 24.51
CA ASP A 259 4.97 -1.28 25.28
C ASP A 259 5.16 0.10 24.65
N VAL A 260 4.45 1.09 25.18
CA VAL A 260 4.51 2.45 24.70
C VAL A 260 5.24 3.38 25.67
N SER A 261 6.07 2.75 26.51
CA SER A 261 6.85 3.47 27.51
C SER A 261 7.87 4.41 26.85
N ASN A 262 8.38 5.36 27.63
CA ASN A 262 9.38 6.25 27.05
C ASN A 262 10.60 5.46 26.58
N ASP A 263 11.00 4.44 27.33
CA ASP A 263 12.15 3.62 26.91
C ASP A 263 11.89 2.97 25.56
N ALA A 264 10.66 2.50 25.39
CA ALA A 264 10.30 1.87 24.12
C ALA A 264 10.32 2.88 22.98
N LEU A 265 9.91 4.12 23.23
CA LEU A 265 9.94 5.15 22.19
C LEU A 265 11.38 5.43 21.76
N LEU A 266 12.33 5.30 22.69
CA LEU A 266 13.74 5.54 22.35
C LEU A 266 14.25 4.39 21.52
N LYS A 267 13.86 3.18 21.87
CA LYS A 267 14.24 1.99 21.11
C LYS A 267 13.61 2.08 19.71
N GLN A 268 12.37 2.54 19.63
CA GLN A 268 11.70 2.71 18.33
C GLN A 268 12.51 3.71 17.48
N ALA A 269 13.01 4.78 18.10
CA ALA A 269 13.77 5.78 17.34
C ALA A 269 15.05 5.19 16.75
N ARG A 270 15.77 4.40 17.54
CA ARG A 270 16.99 3.77 17.05
C ARG A 270 16.65 2.83 15.88
N LEU A 271 15.57 2.05 16.00
CA LEU A 271 15.20 1.12 14.93
C LEU A 271 14.74 1.84 13.65
N TYR A 272 13.93 2.89 13.79
CA TYR A 272 13.50 3.65 12.62
C TYR A 272 14.73 4.31 11.94
N LYS A 273 15.72 4.73 12.72
CA LYS A 273 16.89 5.36 12.11
C LYS A 273 17.63 4.32 11.29
N GLN A 274 17.83 3.15 11.87
CA GLN A 274 18.50 2.09 11.11
C GLN A 274 17.70 1.72 9.87
N LEU A 275 16.38 1.69 9.99
CA LEU A 275 15.54 1.32 8.87
C LEU A 275 15.66 2.34 7.74
N PHE A 276 15.60 3.61 8.06
CA PHE A 276 15.72 4.61 7.01
C PHE A 276 17.13 4.73 6.45
N ASP A 277 18.15 4.41 7.24
CA ASP A 277 19.51 4.42 6.70
C ASP A 277 19.56 3.31 5.66
N LEU A 278 18.93 2.18 5.94
CA LEU A 278 18.89 1.07 5.00
C LEU A 278 18.14 1.48 3.72
N PHE A 279 16.97 2.10 3.88
CA PHE A 279 16.21 2.49 2.70
C PHE A 279 17.04 3.43 1.82
N LYS A 280 17.75 4.38 2.46
CA LYS A 280 18.58 5.32 1.71
C LYS A 280 19.66 4.63 0.94
N ALA A 281 20.30 3.65 1.59
CA ALA A 281 21.36 2.87 0.99
C ALA A 281 20.86 2.09 -0.22
N GLU A 282 19.57 1.78 -0.21
CA GLU A 282 18.93 1.01 -1.29
C GLU A 282 18.11 1.87 -2.23
N LYS A 283 18.43 3.15 -2.29
CA LYS A 283 17.71 4.08 -3.13
C LYS A 283 17.69 3.69 -4.61
N GLN A 284 18.66 2.88 -5.06
CA GLN A 284 18.69 2.46 -6.46
C GLN A 284 17.52 1.49 -6.77
N TYR A 285 16.84 1.03 -5.73
CA TYR A 285 15.72 0.09 -5.90
C TYR A 285 14.40 0.63 -5.38
N ILE A 286 14.46 1.32 -4.26
CA ILE A 286 13.26 1.82 -3.61
C ILE A 286 12.78 3.12 -4.22
N THR A 287 11.52 3.15 -4.66
CA THR A 287 10.99 4.35 -5.30
C THR A 287 9.90 5.09 -4.54
N ALA A 288 9.58 4.60 -3.34
CA ALA A 288 8.60 5.25 -2.46
C ALA A 288 8.63 4.59 -1.10
N VAL A 289 8.36 5.36 -0.05
CA VAL A 289 8.23 4.84 1.31
C VAL A 289 6.97 5.51 1.85
N VAL A 290 5.97 4.71 2.20
CA VAL A 290 4.69 5.21 2.67
C VAL A 290 4.36 4.67 4.07
N PHE A 291 3.96 5.58 4.96
CA PHE A 291 3.55 5.21 6.32
C PHE A 291 2.06 4.89 6.33
N TRP A 292 1.68 3.84 7.08
CA TRP A 292 0.28 3.44 7.10
C TRP A 292 -0.50 4.15 8.19
N GLY A 293 -0.66 5.45 7.99
CA GLY A 293 -1.39 6.28 8.93
C GLY A 293 -0.62 7.55 9.22
N VAL A 294 -1.37 8.63 9.48
CA VAL A 294 -0.79 9.94 9.75
C VAL A 294 -0.18 10.13 11.16
N SER A 295 -0.86 9.60 12.16
CA SER A 295 -0.39 9.76 13.54
C SER A 295 -0.89 8.58 14.35
N ASP A 296 -0.27 8.33 15.49
CA ASP A 296 -0.61 7.16 16.31
C ASP A 296 -2.07 6.98 16.67
N ASP A 297 -2.77 8.09 16.92
CA ASP A 297 -4.18 8.03 17.28
C ASP A 297 -5.09 7.51 16.18
N VAL A 298 -4.63 7.57 14.94
CA VAL A 298 -5.43 7.04 13.84
C VAL A 298 -4.84 5.80 13.19
N SER A 299 -3.91 5.15 13.87
CA SER A 299 -3.33 3.91 13.36
C SER A 299 -4.33 2.77 13.44
N TRP A 300 -4.28 1.89 12.45
CA TRP A 300 -5.17 0.73 12.41
C TRP A 300 -4.81 -0.35 13.45
N LEU A 301 -3.62 -0.26 14.06
CA LEU A 301 -3.23 -1.27 15.04
C LEU A 301 -4.07 -1.11 16.32
N SER A 302 -4.36 -2.21 17.03
CA SER A 302 -5.17 -2.06 18.25
C SER A 302 -4.32 -1.43 19.34
N LYS A 303 -5.01 -0.89 20.33
CA LYS A 303 -4.39 -0.18 21.43
C LYS A 303 -4.05 -1.13 22.54
N PRO A 304 -3.02 -0.78 23.32
CA PRO A 304 -2.22 0.45 23.15
C PRO A 304 -1.15 0.26 22.08
N ASN A 305 -0.81 1.37 21.42
CA ASN A 305 0.21 1.35 20.37
C ASN A 305 0.86 2.72 20.24
N ALA A 306 1.95 2.79 19.48
CA ALA A 306 2.64 4.07 19.20
C ALA A 306 3.47 3.68 17.97
N PRO A 307 2.81 3.39 16.84
CA PRO A 307 3.53 2.95 15.63
C PRO A 307 4.22 3.85 14.65
N LEU A 308 3.93 5.14 14.72
CA LEU A 308 4.38 6.09 13.71
C LEU A 308 5.34 7.16 14.19
N LEU A 309 5.58 8.16 13.34
CA LEU A 309 6.53 9.22 13.72
C LEU A 309 5.88 10.36 14.47
N PHE A 310 4.56 10.42 14.44
CA PHE A 310 3.80 11.46 15.14
C PHE A 310 2.89 10.78 16.15
N ASP A 311 2.88 11.28 17.37
CA ASP A 311 2.09 10.65 18.44
C ASP A 311 0.61 10.98 18.44
N SER A 312 -0.08 10.47 19.47
CA SER A 312 -1.51 10.63 19.58
C SER A 312 -1.95 12.08 19.82
N LYS A 313 -0.98 12.96 20.03
CA LYS A 313 -1.25 14.39 20.20
C LYS A 313 -0.69 15.14 18.98
N LEU A 314 -0.37 14.35 17.96
CA LEU A 314 0.14 14.84 16.69
C LEU A 314 1.52 15.50 16.77
N GLN A 315 2.26 15.20 17.84
CA GLN A 315 3.59 15.78 17.98
C GLN A 315 4.70 14.84 17.48
N ALA A 316 5.78 15.43 16.98
CA ALA A 316 6.90 14.63 16.49
C ALA A 316 7.50 13.82 17.63
N LYS A 317 7.72 12.53 17.40
CA LYS A 317 8.28 11.62 18.39
C LYS A 317 9.79 11.50 18.24
N PRO A 318 10.45 10.80 19.18
CA PRO A 318 11.90 10.63 19.08
C PRO A 318 12.30 10.05 17.71
N ALA A 319 11.46 9.16 17.17
CA ALA A 319 11.78 8.56 15.87
C ALA A 319 11.85 9.59 14.75
N TYR A 320 10.98 10.59 14.80
CA TYR A 320 11.01 11.64 13.79
C TYR A 320 12.36 12.35 13.84
N TRP A 321 12.74 12.77 15.05
CA TRP A 321 14.01 13.49 15.19
C TRP A 321 15.20 12.63 14.80
N ALA A 322 15.15 11.34 15.09
CA ALA A 322 16.23 10.45 14.73
C ALA A 322 16.44 10.36 13.22
N ILE A 323 15.34 10.44 12.48
CA ILE A 323 15.37 10.31 11.03
C ILE A 323 15.72 11.58 10.29
N VAL A 324 15.31 12.72 10.83
CA VAL A 324 15.60 13.97 10.14
C VAL A 324 16.93 14.53 10.63
#